data_8XIC
#
_entry.id   8XIC
#
loop_
_entity.id
_entity.type
_entity.pdbx_description
1 polymer "DNA (5'-D(*AP*AP*CP*CP*2''F-GP*2''F-GP*TP*T)-3')"
2 non-polymer 'Trioxacarcin A, bound form'
#
_entity_poly.entity_id   1
_entity_poly.type   'polydeoxyribonucleotide'
_entity_poly.pdbx_seq_one_letter_code
;(3D1)(DA)(DC)(DC)(GF2)(GF2)(DT)(DT)
;
_entity_poly.pdbx_strand_id   A,B
#